data_1LDM
#
_entry.id   1LDM
#
_cell.length_a   134.500
_cell.length_b   134.500
_cell.length_c   85.900
_cell.angle_alpha   90.00
_cell.angle_beta   90.00
_cell.angle_gamma   90.00
#
_symmetry.space_group_name_H-M   'C 4 21 2'
#
loop_
_entity.id
_entity.type
_entity.pdbx_description
1 polymer 'M4 LACTATE DEHYDROGENASE'
2 non-polymer NICOTINAMIDE-ADENINE-DINUCLEOTIDE
3 non-polymer 'OXAMIC ACID'
4 water water
#
_entity_poly.entity_id   1
_entity_poly.type   'polypeptide(L)'
_entity_poly.pdbx_seq_one_letter_code
;ATLKDKLIGHLATSQEPRSYNKITVVGVGAVGMACAISILMKDLADEVALVDVMEDKLKGEMMDLQHGSLFLHTAKIVSG
KDYSVSAGSKLVVITAGARQQEGESRLNLVQRNVNIFKFIIPNIVKHSPDCIILVVSNPVDVLTYVAWKLSGLPMHRIIG
SGCNLDSARFRYLMGERLGVHSCSCHGWVIGEHGDSVPSVWSGMNVASIKLHPLDGTNKDKQDWKKLHKDVVDSAYEVIK
LKGYTSWAIGLSVADLAETIMKNLCRVHPVSTMVKDFYGIKDNVFLSLPCVLNDHGISNIVKMKLKPNEEQQLQKSATTL
WDIQKDLKF
;
_entity_poly.pdbx_strand_id   A
#
loop_
_chem_comp.id
_chem_comp.type
_chem_comp.name
_chem_comp.formula
NAD non-polymer NICOTINAMIDE-ADENINE-DINUCLEOTIDE 'C21 H27 N7 O14 P2'
OXM non-polymer 'OXAMIC ACID' 'C2 H3 N O3'
#
# COMPACT_ATOMS: atom_id res chain seq x y z
N ALA A 1 42.59 -6.88 -26.83
CA ALA A 1 43.13 -7.35 -25.59
C ALA A 1 43.18 -6.25 -24.51
N THR A 2 42.44 -6.54 -23.51
CA THR A 2 42.12 -5.90 -22.23
C THR A 2 41.60 -7.11 -21.45
N LEU A 3 41.22 -7.07 -20.17
CA LEU A 3 40.77 -8.35 -19.58
C LEU A 3 39.50 -8.80 -20.33
N LYS A 4 38.52 -7.93 -20.23
CA LYS A 4 37.22 -8.02 -20.82
C LYS A 4 37.26 -8.28 -22.31
N ASP A 5 38.12 -7.66 -23.08
CA ASP A 5 38.17 -7.96 -24.53
C ASP A 5 38.64 -9.40 -24.74
N LYS A 6 39.52 -9.87 -23.87
CA LYS A 6 40.08 -11.24 -24.09
C LYS A 6 39.06 -12.32 -23.70
N LEU A 7 38.18 -11.97 -22.78
CA LEU A 7 37.17 -12.93 -22.30
C LEU A 7 35.85 -12.88 -23.06
N ILE A 8 35.27 -11.73 -23.22
CA ILE A 8 34.00 -11.42 -23.80
C ILE A 8 33.97 -11.09 -25.29
N GLY A 9 33.46 -12.01 -26.08
CA GLY A 9 33.29 -11.90 -27.52
C GLY A 9 31.97 -11.19 -27.80
N HIS A 10 31.62 -11.06 -29.05
CA HIS A 10 30.37 -10.38 -29.46
C HIS A 10 29.85 -11.11 -30.68
N LEU A 11 28.54 -11.07 -30.85
CA LEU A 11 27.95 -11.75 -32.06
C LEU A 11 27.88 -10.59 -33.07
N ALA A 12 27.41 -10.86 -34.26
CA ALA A 12 27.25 -9.82 -35.27
C ALA A 12 26.17 -8.82 -34.86
N THR A 13 25.24 -9.35 -34.10
CA THR A 13 24.00 -8.72 -33.64
C THR A 13 23.82 -8.45 -32.17
N SER A 14 23.07 -7.43 -31.82
CA SER A 14 22.75 -7.09 -30.42
C SER A 14 21.90 -5.84 -30.31
N GLN A 15 21.30 -5.63 -29.13
CA GLN A 15 20.38 -4.44 -28.99
C GLN A 15 20.49 -3.83 -27.61
N GLU A 16 19.98 -2.59 -27.46
CA GLU A 16 20.18 -1.86 -26.20
C GLU A 16 19.43 -2.49 -25.05
N PRO A 17 20.12 -2.40 -23.91
CA PRO A 17 19.53 -2.99 -22.67
C PRO A 17 18.28 -2.14 -22.52
N ARG A 18 17.37 -2.66 -21.75
CA ARG A 18 16.07 -2.10 -21.45
C ARG A 18 15.44 -3.01 -20.38
N SER A 19 14.81 -2.47 -19.40
CA SER A 19 14.12 -3.25 -18.37
C SER A 19 12.61 -3.07 -18.66
N TYR A 20 11.84 -4.13 -18.52
CA TYR A 20 10.41 -4.07 -18.81
C TYR A 20 9.46 -4.22 -17.63
N ASN A 21 9.91 -4.46 -16.41
CA ASN A 21 9.01 -4.56 -15.24
C ASN A 21 9.62 -3.72 -14.10
N LYS A 22 9.61 -2.44 -14.27
CA LYS A 22 10.31 -1.51 -13.29
C LYS A 22 9.40 -0.99 -12.24
N ILE A 23 9.90 -0.96 -11.00
CA ILE A 23 9.21 -0.48 -9.80
C ILE A 23 10.14 0.52 -9.10
N THR A 24 9.62 1.64 -8.70
CA THR A 24 10.32 2.73 -8.03
C THR A 24 9.72 2.82 -6.62
N VAL A 25 10.60 2.67 -5.65
CA VAL A 25 10.17 2.86 -4.26
C VAL A 25 10.71 4.27 -3.91
N VAL A 26 9.82 5.19 -3.71
CA VAL A 26 10.17 6.58 -3.34
C VAL A 26 10.18 6.68 -1.83
N GLY A 27 11.31 6.80 -1.22
CA GLY A 27 11.39 6.93 0.25
C GLY A 27 12.21 5.74 0.79
N VAL A 28 13.45 6.04 1.20
CA VAL A 28 14.32 4.91 1.67
C VAL A 28 14.50 4.93 3.20
N GLY A 29 13.37 4.84 3.89
CA GLY A 29 13.20 4.79 5.33
C GLY A 29 12.73 3.39 5.73
N ALA A 30 12.34 3.24 6.99
CA ALA A 30 11.87 2.00 7.58
C ALA A 30 10.92 1.26 6.63
N VAL A 31 9.78 1.96 6.41
CA VAL A 31 8.77 1.40 5.49
C VAL A 31 9.41 1.22 4.12
N GLY A 32 10.23 2.15 3.73
CA GLY A 32 10.94 2.25 2.45
C GLY A 32 11.52 0.90 2.08
N MET A 33 12.58 0.55 2.77
CA MET A 33 13.37 -0.69 2.67
C MET A 33 12.57 -1.94 2.95
N ALA A 34 11.53 -1.81 3.78
CA ALA A 34 10.72 -3.04 4.04
C ALA A 34 10.03 -3.38 2.75
N CYS A 35 9.34 -2.40 2.16
CA CYS A 35 8.72 -2.71 0.84
C CYS A 35 9.81 -3.18 -0.15
N ALA A 36 10.89 -2.49 -0.23
CA ALA A 36 12.00 -2.84 -1.17
C ALA A 36 12.60 -4.21 -0.99
N ILE A 37 12.83 -4.71 0.18
CA ILE A 37 13.38 -6.05 0.41
C ILE A 37 12.30 -7.08 0.14
N SER A 38 11.04 -6.69 0.45
CA SER A 38 9.93 -7.69 0.17
C SER A 38 9.93 -7.96 -1.33
N ILE A 39 9.60 -6.99 -2.16
CA ILE A 39 9.67 -7.07 -3.62
C ILE A 39 10.91 -7.72 -4.19
N LEU A 40 12.08 -7.32 -3.75
CA LEU A 40 13.35 -7.93 -4.22
C LEU A 40 13.20 -9.45 -4.09
N MET A 41 12.86 -9.82 -2.89
CA MET A 41 12.74 -11.22 -2.47
C MET A 41 11.66 -11.95 -3.26
N LYS A 42 10.67 -11.24 -3.80
CA LYS A 42 9.62 -11.96 -4.57
C LYS A 42 9.87 -11.87 -6.04
N ASP A 43 11.06 -11.41 -6.44
CA ASP A 43 11.39 -11.27 -7.86
C ASP A 43 10.17 -10.76 -8.65
N LEU A 44 9.69 -9.60 -8.26
CA LEU A 44 8.58 -8.92 -8.92
C LEU A 44 9.04 -7.98 -10.01
N ALA A 45 10.18 -7.37 -9.89
CA ALA A 45 10.63 -6.39 -10.92
C ALA A 45 12.00 -6.80 -11.50
N ASP A 46 12.31 -6.37 -12.73
CA ASP A 46 13.65 -6.62 -13.29
C ASP A 46 14.51 -5.38 -12.98
N GLU A 47 13.82 -4.40 -12.35
CA GLU A 47 14.64 -3.18 -12.01
C GLU A 47 14.09 -2.49 -10.81
N VAL A 48 14.97 -2.11 -9.89
CA VAL A 48 14.37 -1.37 -8.70
C VAL A 48 15.09 -0.03 -8.55
N ALA A 49 14.27 1.03 -8.47
CA ALA A 49 14.94 2.40 -8.39
C ALA A 49 14.60 3.04 -7.07
N LEU A 50 15.58 3.53 -6.28
CA LEU A 50 15.11 4.13 -4.99
C LEU A 50 15.25 5.62 -5.16
N VAL A 51 14.37 6.43 -4.61
CA VAL A 51 14.57 7.87 -4.70
C VAL A 51 14.36 8.45 -3.30
N ASP A 52 15.20 9.36 -2.90
CA ASP A 52 15.07 10.04 -1.61
C ASP A 52 15.82 11.39 -1.66
N VAL A 53 15.35 12.31 -0.84
CA VAL A 53 16.04 13.61 -0.74
C VAL A 53 17.34 13.42 0.04
N MET A 54 17.37 12.51 0.96
CA MET A 54 18.53 12.20 1.82
C MET A 54 19.54 11.39 0.97
N GLU A 55 20.58 12.07 0.54
CA GLU A 55 21.57 11.49 -0.36
C GLU A 55 22.58 10.52 0.14
N ASP A 56 22.98 10.56 1.40
CA ASP A 56 23.96 9.61 1.95
C ASP A 56 23.23 8.27 2.20
N LYS A 57 22.10 8.40 2.83
CA LYS A 57 21.21 7.35 3.26
C LYS A 57 20.76 6.51 2.05
N LEU A 58 20.35 7.21 1.02
CA LEU A 58 19.96 6.59 -0.24
C LEU A 58 21.07 5.72 -0.79
N LYS A 59 22.23 6.30 -1.06
CA LYS A 59 23.39 5.61 -1.63
C LYS A 59 23.89 4.40 -0.79
N GLY A 60 23.76 4.47 0.51
CA GLY A 60 24.25 3.38 1.43
C GLY A 60 23.26 2.21 1.41
N GLU A 61 21.99 2.58 1.36
CA GLU A 61 20.89 1.59 1.25
C GLU A 61 21.01 0.95 -0.11
N MET A 62 21.26 1.77 -1.13
CA MET A 62 21.43 1.21 -2.50
C MET A 62 22.56 0.15 -2.49
N MET A 63 23.71 0.60 -1.95
CA MET A 63 24.95 -0.16 -1.85
C MET A 63 24.80 -1.49 -1.14
N ASP A 64 24.16 -1.40 0.01
CA ASP A 64 23.79 -2.49 0.90
C ASP A 64 22.92 -3.50 0.16
N LEU A 65 21.96 -3.07 -0.68
CA LEU A 65 21.17 -4.10 -1.41
C LEU A 65 22.03 -4.70 -2.55
N GLN A 66 22.81 -3.84 -3.22
CA GLN A 66 23.68 -4.23 -4.34
C GLN A 66 24.65 -5.31 -3.86
N HIS A 67 25.26 -5.20 -2.69
CA HIS A 67 26.18 -6.22 -2.16
C HIS A 67 25.53 -7.56 -1.97
N GLY A 68 24.21 -7.57 -2.10
CA GLY A 68 23.41 -8.79 -1.96
C GLY A 68 22.88 -9.32 -3.26
N SER A 69 23.41 -8.81 -4.38
CA SER A 69 22.92 -9.22 -5.71
C SER A 69 23.04 -10.70 -5.97
N LEU A 70 24.20 -11.29 -5.69
CA LEU A 70 24.38 -12.74 -5.84
C LEU A 70 23.18 -13.54 -5.31
N PHE A 71 22.58 -12.97 -4.26
CA PHE A 71 21.53 -13.69 -3.50
C PHE A 71 20.13 -13.27 -3.93
N LEU A 72 19.99 -12.84 -5.18
CA LEU A 72 18.70 -12.29 -5.71
C LEU A 72 18.54 -12.60 -7.20
N HIS A 73 17.52 -12.10 -7.83
CA HIS A 73 17.22 -12.33 -9.26
C HIS A 73 16.64 -11.10 -9.92
N THR A 74 17.21 -10.01 -9.45
CA THR A 74 16.83 -8.65 -9.87
C THR A 74 18.13 -8.04 -10.41
N ALA A 75 18.06 -7.89 -11.72
CA ALA A 75 19.29 -7.53 -12.45
C ALA A 75 19.79 -6.13 -12.18
N LYS A 76 18.94 -5.22 -11.75
CA LYS A 76 19.40 -3.82 -11.61
C LYS A 76 18.87 -3.08 -10.44
N ILE A 77 19.73 -2.54 -9.60
CA ILE A 77 19.25 -1.71 -8.46
C ILE A 77 19.89 -0.33 -8.68
N VAL A 78 19.10 0.70 -8.77
CA VAL A 78 19.62 2.06 -9.02
C VAL A 78 19.09 3.05 -7.99
N SER A 79 19.62 4.25 -7.96
CA SER A 79 19.15 5.23 -6.98
C SER A 79 19.64 6.63 -7.29
N GLY A 80 18.88 7.62 -6.89
CA GLY A 80 19.36 8.99 -7.16
C GLY A 80 18.26 9.92 -6.61
N LYS A 81 18.63 11.13 -6.41
CA LYS A 81 17.71 12.19 -5.94
C LYS A 81 16.93 12.74 -7.13
N ASP A 82 17.42 12.64 -8.33
CA ASP A 82 16.77 13.21 -9.53
C ASP A 82 15.79 12.16 -10.09
N TYR A 83 14.53 12.60 -10.21
CA TYR A 83 13.46 11.65 -10.59
C TYR A 83 13.58 11.04 -11.94
N SER A 84 14.69 11.21 -12.56
CA SER A 84 15.01 10.73 -13.92
C SER A 84 15.35 9.25 -13.83
N VAL A 85 15.82 8.91 -12.65
CA VAL A 85 16.21 7.55 -12.19
C VAL A 85 15.01 6.59 -12.27
N SER A 86 13.79 7.07 -12.07
CA SER A 86 12.52 6.41 -12.08
C SER A 86 11.75 6.35 -13.39
N ALA A 87 12.26 6.83 -14.48
CA ALA A 87 11.61 6.87 -15.77
C ALA A 87 11.14 5.50 -16.24
N GLY A 88 9.95 5.38 -16.72
CA GLY A 88 9.36 4.16 -17.22
C GLY A 88 9.09 3.04 -16.24
N SER A 89 8.75 3.45 -15.04
CA SER A 89 8.33 2.55 -13.96
C SER A 89 6.90 2.12 -14.32
N LYS A 90 6.56 0.91 -14.00
CA LYS A 90 5.23 0.31 -14.19
C LYS A 90 4.46 0.54 -12.88
N LEU A 91 5.14 0.65 -11.80
CA LEU A 91 4.72 0.88 -10.41
C LEU A 91 5.69 1.83 -9.68
N VAL A 92 5.04 2.79 -9.03
CA VAL A 92 5.68 3.80 -8.21
C VAL A 92 5.01 3.69 -6.83
N VAL A 93 5.82 3.36 -5.87
CA VAL A 93 5.36 3.20 -4.47
C VAL A 93 5.83 4.37 -3.65
N ILE A 94 4.87 5.07 -3.01
CA ILE A 94 5.37 6.28 -2.27
C ILE A 94 5.35 5.99 -0.76
N THR A 95 6.46 6.30 -0.19
CA THR A 95 6.78 6.12 1.21
C THR A 95 7.34 7.35 1.90
N ALA A 96 7.51 8.43 1.19
CA ALA A 96 8.11 9.64 1.78
C ALA A 96 7.17 10.27 2.78
N GLY A 97 7.67 10.78 3.91
CA GLY A 97 6.72 11.49 4.78
C GLY A 97 7.03 11.31 6.25
N ALA A 98 6.48 12.24 7.00
CA ALA A 98 6.68 12.13 8.47
C ALA A 98 5.89 10.90 8.86
N ARG A 99 6.15 10.41 10.06
CA ARG A 99 5.46 9.27 10.63
C ARG A 99 4.93 9.67 11.99
N GLN A 100 4.05 8.82 12.51
CA GLN A 100 3.43 9.05 13.81
C GLN A 100 4.46 9.00 14.94
N GLN A 101 4.32 10.00 15.78
CA GLN A 101 5.20 9.98 17.03
C GLN A 101 4.27 9.15 17.91
N GLU A 102 4.63 8.58 19.04
CA GLU A 102 3.60 7.77 19.74
C GLU A 102 2.46 8.64 20.22
N GLY A 103 1.28 8.07 20.00
CA GLY A 103 0.01 8.64 20.40
C GLY A 103 -0.53 9.59 19.34
N GLU A 104 0.25 9.77 18.27
CA GLU A 104 -0.26 10.78 17.31
C GLU A 104 -1.09 10.07 16.28
N SER A 105 -2.25 10.63 15.96
CA SER A 105 -3.12 9.99 14.95
C SER A 105 -2.49 10.24 13.59
N ARG A 106 -2.86 9.39 12.65
CA ARG A 106 -2.33 9.47 11.27
C ARG A 106 -2.82 10.75 10.64
N LEU A 107 -4.00 11.19 11.14
CA LEU A 107 -4.64 12.39 10.55
C LEU A 107 -3.85 13.67 10.76
N ASN A 108 -3.10 13.67 11.84
CA ASN A 108 -2.26 14.82 12.21
C ASN A 108 -1.11 15.06 11.23
N LEU A 109 -0.85 14.16 10.34
CA LEU A 109 0.30 14.21 9.40
C LEU A 109 -0.03 14.80 8.04
N VAL A 110 -1.29 15.17 7.85
CA VAL A 110 -1.79 15.62 6.55
C VAL A 110 -1.07 16.82 5.98
N GLN A 111 -0.85 17.82 6.78
CA GLN A 111 -0.21 19.09 6.23
C GLN A 111 1.23 18.81 5.82
N ARG A 112 1.99 18.17 6.69
CA ARG A 112 3.38 17.82 6.49
C ARG A 112 3.52 17.05 5.19
N ASN A 113 2.76 16.01 5.06
CA ASN A 113 2.78 15.10 3.89
C ASN A 113 2.17 15.74 2.66
N VAL A 114 1.07 16.48 2.75
CA VAL A 114 0.60 17.21 1.53
C VAL A 114 1.77 18.04 0.89
N ASN A 115 2.39 18.84 1.72
CA ASN A 115 3.53 19.67 1.33
C ASN A 115 4.62 18.81 0.67
N ILE A 116 4.81 17.56 1.01
CA ILE A 116 5.91 16.75 0.35
C ILE A 116 5.40 16.29 -1.00
N PHE A 117 4.15 15.83 -0.86
CA PHE A 117 3.42 15.34 -2.04
C PHE A 117 3.50 16.41 -3.13
N LYS A 118 3.10 17.63 -2.80
CA LYS A 118 3.06 18.70 -3.83
C LYS A 118 4.39 18.76 -4.59
N PHE A 119 5.49 18.29 -4.04
CA PHE A 119 6.80 18.32 -4.76
C PHE A 119 7.10 17.07 -5.58
N ILE A 120 6.84 15.91 -5.07
CA ILE A 120 6.98 14.55 -5.59
C ILE A 120 6.02 14.13 -6.70
N ILE A 121 4.75 14.52 -6.67
CA ILE A 121 3.84 13.93 -7.71
C ILE A 121 4.09 14.43 -9.09
N PRO A 122 4.27 15.72 -9.32
CA PRO A 122 4.62 16.21 -10.68
C PRO A 122 5.76 15.47 -11.33
N ASN A 123 6.88 15.30 -10.66
CA ASN A 123 8.09 14.60 -11.19
C ASN A 123 7.88 13.14 -11.51
N ILE A 124 7.09 12.47 -10.65
CA ILE A 124 6.73 11.05 -10.82
C ILE A 124 6.10 10.86 -12.21
N VAL A 125 5.00 11.58 -12.39
CA VAL A 125 4.15 11.57 -13.59
C VAL A 125 5.01 12.07 -14.74
N LYS A 126 5.87 13.03 -14.34
CA LYS A 126 6.75 13.62 -15.36
C LYS A 126 7.49 12.51 -16.09
N HIS A 127 8.13 11.70 -15.31
CA HIS A 127 9.05 10.63 -15.75
C HIS A 127 8.49 9.30 -16.13
N SER A 128 7.28 9.01 -15.70
CA SER A 128 6.55 7.78 -15.98
C SER A 128 5.04 8.12 -16.17
N PRO A 129 4.70 8.70 -17.29
CA PRO A 129 3.33 9.10 -17.61
C PRO A 129 2.29 7.99 -17.53
N ASP A 130 2.71 6.74 -17.70
CA ASP A 130 1.74 5.62 -17.67
C ASP A 130 1.86 4.75 -16.43
N CYS A 131 2.49 5.18 -15.36
CA CYS A 131 2.68 4.28 -14.22
C CYS A 131 1.35 4.14 -13.45
N ILE A 132 1.47 3.26 -12.49
CA ILE A 132 0.45 3.01 -11.47
C ILE A 132 1.08 3.62 -10.19
N ILE A 133 0.43 4.50 -9.52
CA ILE A 133 0.96 5.07 -8.23
C ILE A 133 0.29 4.34 -7.04
N LEU A 134 1.10 3.83 -6.14
CA LEU A 134 0.71 3.13 -4.94
C LEU A 134 1.03 3.99 -3.73
N VAL A 135 0.05 4.66 -3.11
CA VAL A 135 0.51 5.44 -1.92
C VAL A 135 0.55 4.60 -0.67
N VAL A 136 1.54 4.71 0.18
CA VAL A 136 1.66 4.08 1.44
C VAL A 136 1.65 5.20 2.52
N SER A 137 2.22 6.36 2.19
CA SER A 137 2.29 7.40 3.23
C SER A 137 0.93 7.65 3.86
N ASN A 138 1.06 8.12 5.10
CA ASN A 138 -0.02 8.52 5.94
C ASN A 138 -0.23 10.05 5.95
N PRO A 139 -1.49 10.47 6.16
CA PRO A 139 -2.67 9.57 6.29
C PRO A 139 -3.02 9.02 4.91
N VAL A 140 -2.71 7.81 4.57
CA VAL A 140 -2.81 7.10 3.31
C VAL A 140 -4.11 7.33 2.56
N ASP A 141 -5.20 7.48 3.27
CA ASP A 141 -6.47 7.65 2.49
C ASP A 141 -6.52 9.05 1.90
N VAL A 142 -6.26 10.03 2.75
CA VAL A 142 -6.19 11.42 2.33
C VAL A 142 -5.07 11.50 1.29
N LEU A 143 -3.94 10.84 1.52
CA LEU A 143 -2.83 11.07 0.51
C LEU A 143 -3.14 10.44 -0.82
N THR A 144 -3.92 9.38 -0.85
CA THR A 144 -4.21 8.87 -2.21
C THR A 144 -5.13 9.85 -2.90
N TYR A 145 -5.92 10.60 -2.16
CA TYR A 145 -6.85 11.61 -2.73
C TYR A 145 -6.06 12.77 -3.32
N VAL A 146 -5.04 13.21 -2.64
CA VAL A 146 -4.16 14.31 -3.03
C VAL A 146 -3.45 13.96 -4.35
N ALA A 147 -2.73 12.83 -4.24
CA ALA A 147 -1.97 12.28 -5.34
C ALA A 147 -2.79 12.23 -6.62
N TRP A 148 -4.06 11.93 -6.50
CA TRP A 148 -4.96 11.80 -7.65
C TRP A 148 -5.31 13.14 -8.28
N LYS A 149 -5.59 14.07 -7.37
CA LYS A 149 -5.92 15.44 -7.72
C LYS A 149 -4.79 16.17 -8.42
N LEU A 150 -3.64 16.18 -7.73
CA LEU A 150 -2.45 16.84 -8.18
C LEU A 150 -2.00 16.15 -9.48
N SER A 151 -2.27 14.85 -9.52
CA SER A 151 -1.72 14.12 -10.71
C SER A 151 -2.60 14.11 -11.94
N GLY A 152 -3.89 13.96 -11.81
CA GLY A 152 -4.81 13.93 -12.98
C GLY A 152 -4.77 12.59 -13.71
N LEU A 153 -4.34 11.56 -13.03
CA LEU A 153 -4.29 10.22 -13.61
C LEU A 153 -5.69 9.60 -13.49
N PRO A 154 -5.95 8.76 -14.46
CA PRO A 154 -7.24 7.99 -14.44
C PRO A 154 -7.28 7.36 -13.05
N MET A 155 -8.34 7.59 -12.37
CA MET A 155 -8.65 7.15 -11.03
C MET A 155 -8.16 5.71 -10.77
N HIS A 156 -8.18 4.89 -11.82
CA HIS A 156 -7.82 3.49 -11.55
C HIS A 156 -6.37 3.25 -11.33
N ARG A 157 -5.49 4.12 -11.73
CA ARG A 157 -4.06 3.93 -11.57
C ARG A 157 -3.54 4.46 -10.27
N ILE A 158 -4.45 4.90 -9.41
CA ILE A 158 -4.07 5.46 -8.09
C ILE A 158 -4.68 4.62 -7.00
N ILE A 159 -3.75 4.03 -6.24
CA ILE A 159 -4.22 3.11 -5.18
C ILE A 159 -3.64 3.39 -3.81
N GLY A 160 -4.42 3.19 -2.74
CA GLY A 160 -3.73 3.44 -1.41
C GLY A 160 -3.44 2.03 -0.88
N SER A 161 -2.42 1.87 -0.04
CA SER A 161 -2.19 0.49 0.51
C SER A 161 -3.45 0.19 1.36
N GLY A 162 -3.95 1.23 2.04
CA GLY A 162 -5.31 1.07 2.68
C GLY A 162 -5.36 -0.07 3.65
N CYS A 163 -6.51 -0.67 3.79
CA CYS A 163 -6.85 -1.71 4.72
C CYS A 163 -6.34 -3.14 4.45
N ASN A 164 -5.50 -3.37 3.49
CA ASN A 164 -4.87 -4.70 3.22
C ASN A 164 -4.15 -5.22 4.46
N LEU A 165 -3.60 -4.29 5.22
CA LEU A 165 -2.78 -4.54 6.41
C LEU A 165 -3.69 -4.77 7.61
N ASP A 166 -4.68 -3.86 7.64
CA ASP A 166 -5.69 -3.92 8.69
C ASP A 166 -6.37 -5.30 8.65
N SER A 167 -6.68 -5.69 7.41
CA SER A 167 -7.48 -6.95 7.28
C SER A 167 -6.53 -8.10 7.58
N ALA A 168 -5.24 -7.84 7.44
CA ALA A 168 -4.22 -8.93 7.66
C ALA A 168 -4.11 -9.17 9.17
N ARG A 169 -4.14 -8.05 9.85
CA ARG A 169 -4.06 -7.90 11.31
C ARG A 169 -5.28 -8.59 11.93
N PHE A 170 -6.41 -8.33 11.26
CA PHE A 170 -7.70 -8.90 11.76
C PHE A 170 -7.68 -10.41 11.69
N ARG A 171 -7.26 -10.94 10.56
CA ARG A 171 -7.25 -12.37 10.24
C ARG A 171 -6.14 -13.13 11.00
N TYR A 172 -5.14 -12.37 11.47
CA TYR A 172 -4.12 -13.00 12.33
C TYR A 172 -4.72 -13.25 13.72
N LEU A 173 -5.52 -12.31 14.19
CA LEU A 173 -6.11 -12.44 15.56
C LEU A 173 -7.22 -13.50 15.52
N MET A 174 -8.00 -13.49 14.47
CA MET A 174 -9.03 -14.51 14.20
C MET A 174 -8.36 -15.89 14.28
N GLY A 175 -7.26 -16.02 13.58
CA GLY A 175 -6.44 -17.23 13.50
C GLY A 175 -6.00 -17.71 14.88
N GLU A 176 -5.46 -16.79 15.62
CA GLU A 176 -4.94 -16.89 17.00
C GLU A 176 -6.04 -17.53 17.86
N ARG A 177 -7.28 -17.13 17.69
CA ARG A 177 -8.39 -17.62 18.50
C ARG A 177 -9.04 -18.91 18.04
N LEU A 178 -9.24 -19.04 16.73
CA LEU A 178 -9.94 -20.25 16.22
C LEU A 178 -8.95 -21.42 16.13
N GLY A 179 -7.70 -21.03 16.03
CA GLY A 179 -6.59 -22.01 15.92
C GLY A 179 -6.53 -22.46 14.45
N VAL A 180 -6.38 -21.47 13.57
CA VAL A 180 -6.36 -21.68 12.14
C VAL A 180 -5.49 -20.63 11.44
N HIS A 181 -4.61 -21.11 10.59
CA HIS A 181 -3.75 -20.22 9.80
C HIS A 181 -4.58 -19.00 9.37
N SER A 182 -4.04 -17.81 9.55
CA SER A 182 -4.75 -16.57 9.18
C SER A 182 -5.29 -16.63 7.74
N CYS A 183 -4.62 -17.41 6.86
CA CYS A 183 -5.04 -17.47 5.47
C CYS A 183 -6.34 -18.26 5.27
N SER A 184 -6.61 -19.11 6.22
CA SER A 184 -7.85 -19.91 6.15
C SER A 184 -8.99 -19.14 6.79
N CYS A 185 -8.61 -18.04 7.48
CA CYS A 185 -9.66 -17.23 8.12
C CYS A 185 -9.98 -16.08 7.14
N HIS A 186 -11.23 -15.81 6.92
CA HIS A 186 -11.71 -14.73 6.07
C HIS A 186 -12.50 -13.70 6.86
N GLY A 187 -11.95 -12.49 6.89
CA GLY A 187 -12.68 -11.37 7.61
C GLY A 187 -12.11 -10.12 6.92
N TRP A 188 -12.91 -9.09 6.77
CA TRP A 188 -12.59 -7.86 6.11
C TRP A 188 -12.66 -6.56 6.87
N VAL A 189 -11.62 -5.74 6.73
CA VAL A 189 -11.64 -4.39 7.35
C VAL A 189 -11.66 -3.37 6.21
N ILE A 190 -12.60 -2.45 6.21
CA ILE A 190 -12.75 -1.45 5.12
C ILE A 190 -12.88 -0.08 5.76
N GLY A 191 -13.10 0.97 4.94
CA GLY A 191 -13.22 2.30 5.53
C GLY A 191 -11.81 2.87 5.66
N GLU A 192 -11.65 3.84 6.51
CA GLU A 192 -10.31 4.43 6.72
C GLU A 192 -9.22 3.49 7.26
N HIS A 193 -8.01 3.81 6.76
CA HIS A 193 -6.79 3.17 7.27
C HIS A 193 -6.53 3.97 8.58
N GLY A 194 -7.30 3.60 9.58
CA GLY A 194 -7.20 4.25 10.87
C GLY A 194 -8.31 3.97 11.84
N ASP A 195 -8.41 4.91 12.77
CA ASP A 195 -9.32 4.80 13.89
C ASP A 195 -10.75 4.61 13.44
N SER A 196 -11.23 4.98 12.29
CA SER A 196 -12.68 4.71 11.96
C SER A 196 -12.97 3.62 10.99
N VAL A 197 -12.10 2.68 10.92
CA VAL A 197 -12.13 1.43 10.09
C VAL A 197 -13.35 0.59 10.34
N PRO A 198 -14.08 0.16 9.31
CA PRO A 198 -15.26 -0.70 9.60
C PRO A 198 -14.90 -2.16 9.41
N SER A 199 -15.26 -3.00 10.34
CA SER A 199 -15.12 -4.42 10.37
C SER A 199 -16.45 -5.05 9.92
N VAL A 200 -16.41 -5.87 8.90
CA VAL A 200 -17.60 -6.52 8.30
C VAL A 200 -17.79 -7.84 9.02
N TRP A 201 -18.55 -7.81 10.07
CA TRP A 201 -18.87 -8.91 10.97
C TRP A 201 -19.63 -10.01 10.19
N SER A 202 -20.43 -9.57 9.23
CA SER A 202 -21.30 -10.51 8.50
C SER A 202 -20.62 -11.16 7.30
N GLY A 203 -19.32 -10.98 7.14
CA GLY A 203 -18.56 -11.56 6.04
C GLY A 203 -17.65 -12.63 6.63
N MET A 204 -17.39 -12.50 7.93
CA MET A 204 -16.49 -13.42 8.66
C MET A 204 -16.85 -14.88 8.50
N ASN A 205 -15.79 -15.62 8.13
CA ASN A 205 -16.01 -17.07 7.83
C ASN A 205 -14.71 -17.87 7.79
N VAL A 206 -14.87 -19.15 8.05
CA VAL A 206 -13.89 -20.22 7.96
C VAL A 206 -14.57 -21.35 7.14
N ALA A 207 -14.14 -21.57 5.92
CA ALA A 207 -14.64 -22.55 4.97
C ALA A 207 -16.05 -22.25 4.52
N SER A 208 -16.40 -20.99 4.31
CA SER A 208 -17.68 -20.49 3.92
C SER A 208 -18.69 -20.54 5.10
N ILE A 209 -18.30 -20.96 6.25
CA ILE A 209 -19.18 -21.03 7.45
C ILE A 209 -19.20 -19.65 8.12
N LYS A 210 -20.39 -19.06 8.19
CA LYS A 210 -20.56 -17.72 8.75
C LYS A 210 -20.45 -17.72 10.26
N LEU A 211 -19.46 -16.98 10.78
CA LEU A 211 -19.28 -16.89 12.25
C LEU A 211 -20.50 -16.21 12.85
N HIS A 212 -21.10 -15.29 12.09
CA HIS A 212 -22.27 -14.52 12.57
C HIS A 212 -23.50 -15.36 12.87
N PRO A 213 -23.90 -16.27 12.02
CA PRO A 213 -25.04 -17.16 12.17
C PRO A 213 -24.78 -18.29 13.15
N LEU A 214 -23.53 -18.46 13.54
CA LEU A 214 -23.14 -19.44 14.56
C LEU A 214 -23.20 -18.73 15.93
N ASP A 215 -22.80 -17.49 16.00
CA ASP A 215 -22.76 -16.64 17.19
C ASP A 215 -23.94 -15.66 17.19
N GLY A 216 -24.09 -14.75 16.24
CA GLY A 216 -25.35 -13.94 16.29
C GLY A 216 -25.07 -12.60 16.97
N THR A 217 -24.60 -12.74 18.19
CA THR A 217 -24.19 -11.60 19.03
C THR A 217 -22.81 -11.09 18.67
N ASN A 218 -22.17 -11.68 17.70
CA ASN A 218 -20.80 -11.40 17.19
C ASN A 218 -20.55 -9.90 17.15
N LYS A 219 -21.22 -9.17 16.30
CA LYS A 219 -21.10 -7.70 16.22
C LYS A 219 -21.02 -6.95 17.56
N ASP A 220 -21.16 -7.62 18.69
CA ASP A 220 -21.19 -6.95 20.00
C ASP A 220 -20.59 -7.65 21.20
N LYS A 221 -21.26 -8.57 21.86
CA LYS A 221 -20.82 -9.26 23.08
C LYS A 221 -20.08 -10.59 22.99
N GLN A 222 -19.04 -10.68 23.83
CA GLN A 222 -18.12 -11.80 24.00
C GLN A 222 -16.66 -11.40 23.70
N ASP A 223 -16.51 -10.09 23.58
CA ASP A 223 -15.27 -9.42 23.27
C ASP A 223 -14.72 -9.84 21.91
N TRP A 224 -15.64 -10.18 21.01
CA TRP A 224 -15.22 -10.53 19.63
C TRP A 224 -14.91 -9.19 18.93
N LYS A 225 -15.55 -8.18 19.53
CA LYS A 225 -15.41 -6.81 19.06
C LYS A 225 -14.01 -6.35 19.49
N LYS A 226 -13.43 -7.06 20.44
CA LYS A 226 -12.08 -6.70 20.87
C LYS A 226 -11.07 -6.88 19.71
N LEU A 227 -11.40 -7.81 18.80
CA LEU A 227 -10.51 -8.10 17.66
C LEU A 227 -10.33 -6.87 16.80
N HIS A 228 -11.40 -6.13 16.62
CA HIS A 228 -11.48 -4.90 15.86
C HIS A 228 -10.67 -3.83 16.60
N LYS A 229 -10.90 -3.90 17.88
CA LYS A 229 -10.33 -3.12 18.97
C LYS A 229 -8.80 -3.18 18.89
N ASP A 230 -8.28 -4.41 18.90
CA ASP A 230 -6.82 -4.62 18.89
C ASP A 230 -6.20 -4.18 17.55
N VAL A 231 -7.07 -4.13 16.57
CA VAL A 231 -6.71 -3.83 15.18
C VAL A 231 -6.45 -2.33 15.04
N VAL A 232 -7.33 -1.58 15.69
CA VAL A 232 -7.14 -0.10 15.60
C VAL A 232 -5.97 0.27 16.49
N ASP A 233 -5.83 -0.44 17.59
CA ASP A 233 -4.75 -0.15 18.55
C ASP A 233 -3.34 -0.52 18.09
N SER A 234 -3.25 -1.66 17.42
CA SER A 234 -2.02 -2.28 16.92
C SER A 234 -0.97 -1.33 16.41
N ALA A 235 -1.27 -0.42 15.48
CA ALA A 235 -0.22 0.54 15.06
C ALA A 235 0.33 1.31 16.27
N TYR A 236 -0.55 1.65 17.19
CA TYR A 236 -0.09 2.47 18.32
C TYR A 236 0.79 1.69 19.27
N GLU A 237 0.48 0.41 19.47
CA GLU A 237 1.34 -0.40 20.38
C GLU A 237 2.74 -0.59 19.84
N VAL A 238 2.77 -0.94 18.56
CA VAL A 238 4.02 -1.28 17.89
C VAL A 238 4.90 -0.04 17.97
N ILE A 239 4.26 1.11 17.74
CA ILE A 239 5.01 2.37 17.75
C ILE A 239 5.66 2.61 19.10
N LYS A 240 4.86 2.47 20.18
CA LYS A 240 5.45 2.75 21.50
C LYS A 240 6.53 1.76 21.90
N LEU A 241 6.43 0.52 21.46
CA LEU A 241 7.41 -0.51 21.79
C LEU A 241 8.71 -0.39 20.99
N LYS A 242 8.47 -0.36 19.68
CA LYS A 242 9.48 -0.38 18.63
C LYS A 242 9.82 0.97 18.07
N GLY A 243 8.89 1.92 18.02
CA GLY A 243 9.14 3.25 17.45
C GLY A 243 8.44 3.53 16.13
N TYR A 244 8.15 2.51 15.33
CA TYR A 244 7.49 2.60 14.04
C TYR A 244 7.07 1.21 13.63
N THR A 245 6.36 1.14 12.53
CA THR A 245 5.96 -0.13 11.91
C THR A 245 6.65 -0.19 10.57
N SER A 246 7.20 -1.37 10.24
CA SER A 246 7.92 -1.55 8.98
C SER A 246 7.63 -2.83 8.23
N TRP A 247 7.97 -3.91 8.89
CA TRP A 247 7.86 -5.24 8.27
C TRP A 247 6.45 -5.66 7.92
N ALA A 248 5.41 -5.33 8.67
CA ALA A 248 4.07 -5.78 8.22
C ALA A 248 3.64 -5.09 6.94
N ILE A 249 3.99 -3.80 6.83
CA ILE A 249 3.55 -3.04 5.63
C ILE A 249 4.40 -3.42 4.45
N GLY A 250 5.65 -3.79 4.63
CA GLY A 250 6.50 -4.18 3.50
C GLY A 250 5.78 -5.37 2.83
N LEU A 251 5.39 -6.31 3.71
CA LEU A 251 4.76 -7.52 3.16
C LEU A 251 3.42 -7.21 2.51
N SER A 252 2.65 -6.41 3.26
CA SER A 252 1.32 -6.02 2.76
C SER A 252 1.53 -5.36 1.40
N VAL A 253 2.57 -4.59 1.22
CA VAL A 253 2.75 -3.86 -0.06
C VAL A 253 3.17 -4.81 -1.20
N ALA A 254 4.11 -5.69 -0.87
CA ALA A 254 4.59 -6.69 -1.83
C ALA A 254 3.45 -7.54 -2.36
N ASP A 255 2.54 -7.89 -1.48
CA ASP A 255 1.35 -8.71 -1.85
C ASP A 255 0.61 -8.00 -2.98
N LEU A 256 0.55 -6.68 -2.76
CA LEU A 256 -0.21 -5.79 -3.67
C LEU A 256 0.56 -5.69 -4.98
N ALA A 257 1.85 -5.41 -4.93
CA ALA A 257 2.68 -5.33 -6.20
C ALA A 257 2.64 -6.63 -6.96
N GLU A 258 2.50 -7.75 -6.28
CA GLU A 258 2.45 -9.06 -6.94
C GLU A 258 1.22 -9.10 -7.81
N THR A 259 0.04 -9.04 -7.15
CA THR A 259 -1.21 -9.02 -7.93
C THR A 259 -1.11 -8.13 -9.16
N ILE A 260 -0.41 -7.02 -9.02
CA ILE A 260 -0.26 -6.05 -10.13
C ILE A 260 0.71 -6.56 -11.20
N MET A 261 1.92 -6.81 -10.77
CA MET A 261 2.97 -7.25 -11.71
C MET A 261 2.55 -8.58 -12.30
N LYS A 262 1.78 -9.44 -11.67
CA LYS A 262 1.28 -10.72 -12.27
C LYS A 262 -0.13 -10.65 -12.91
N ASN A 263 -0.80 -9.50 -12.90
CA ASN A 263 -2.12 -9.39 -13.59
C ASN A 263 -3.01 -10.55 -13.13
N LEU A 264 -3.02 -10.74 -11.83
CA LEU A 264 -3.68 -11.84 -11.16
C LEU A 264 -5.14 -11.66 -10.87
N CYS A 265 -5.65 -10.43 -10.90
CA CYS A 265 -7.02 -10.14 -10.60
C CYS A 265 -7.45 -10.68 -9.22
N ARG A 266 -6.75 -10.28 -8.15
CA ARG A 266 -7.12 -10.73 -6.80
C ARG A 266 -7.84 -9.63 -6.06
N VAL A 267 -8.65 -9.94 -5.07
CA VAL A 267 -9.43 -8.98 -4.30
C VAL A 267 -8.63 -8.50 -3.12
N HIS A 268 -8.43 -7.20 -2.98
CA HIS A 268 -7.66 -6.60 -1.90
C HIS A 268 -8.39 -5.32 -1.39
N PRO A 269 -8.46 -5.17 -0.10
CA PRO A 269 -9.06 -3.97 0.49
C PRO A 269 -8.06 -2.85 0.30
N VAL A 270 -8.18 -1.98 -0.69
CA VAL A 270 -7.23 -0.85 -0.85
C VAL A 270 -7.99 0.48 -0.96
N SER A 271 -7.27 1.61 -1.10
CA SER A 271 -8.02 2.87 -1.15
C SER A 271 -8.39 3.31 -2.54
N THR A 272 -9.67 3.58 -2.78
CA THR A 272 -10.30 4.07 -3.95
C THR A 272 -11.35 5.19 -3.74
N MET A 273 -11.87 5.59 -4.92
CA MET A 273 -12.92 6.62 -5.02
C MET A 273 -14.23 5.90 -4.60
N VAL A 274 -14.77 6.40 -3.49
CA VAL A 274 -15.98 5.69 -2.96
C VAL A 274 -17.26 6.43 -3.31
N LYS A 275 -17.09 7.50 -4.08
CA LYS A 275 -18.19 8.38 -4.45
C LYS A 275 -19.30 7.66 -5.17
N ASP A 276 -20.52 7.76 -4.65
CA ASP A 276 -21.65 7.12 -5.38
C ASP A 276 -21.96 5.70 -4.94
N PHE A 277 -21.28 5.29 -3.90
CA PHE A 277 -21.47 3.96 -3.30
C PHE A 277 -21.98 4.25 -1.88
N TYR A 278 -22.88 3.44 -1.40
CA TYR A 278 -23.41 3.52 -0.04
C TYR A 278 -23.83 4.92 0.35
N GLY A 279 -24.39 5.61 -0.64
CA GLY A 279 -24.87 6.98 -0.40
C GLY A 279 -23.81 8.04 -0.21
N ILE A 280 -22.55 7.76 -0.45
CA ILE A 280 -21.47 8.76 -0.32
C ILE A 280 -21.58 9.70 -1.51
N LYS A 281 -21.62 10.96 -1.16
CA LYS A 281 -21.79 12.16 -1.95
C LYS A 281 -20.55 12.82 -2.50
N ASP A 282 -19.46 12.69 -1.77
CA ASP A 282 -18.20 13.37 -2.12
C ASP A 282 -17.13 12.47 -2.69
N ASN A 283 -16.09 13.18 -3.16
CA ASN A 283 -14.86 12.64 -3.72
C ASN A 283 -14.02 12.08 -2.55
N VAL A 284 -14.49 11.06 -1.88
CA VAL A 284 -13.75 10.46 -0.75
C VAL A 284 -13.12 9.12 -1.19
N PHE A 285 -11.90 8.91 -0.68
CA PHE A 285 -11.10 7.71 -0.86
C PHE A 285 -11.05 6.91 0.45
N LEU A 286 -11.29 5.60 0.36
CA LEU A 286 -11.31 4.71 1.56
C LEU A 286 -11.08 3.30 1.03
N SER A 287 -10.85 2.29 1.86
CA SER A 287 -10.68 0.96 1.22
C SER A 287 -12.03 0.26 1.00
N LEU A 288 -12.09 -0.37 -0.18
CA LEU A 288 -13.35 -1.27 -0.38
C LEU A 288 -12.63 -2.46 -1.01
N PRO A 289 -13.26 -3.58 -1.18
CA PRO A 289 -12.69 -4.71 -1.87
C PRO A 289 -12.71 -4.45 -3.37
N CYS A 290 -11.45 -4.38 -3.89
CA CYS A 290 -11.07 -4.17 -5.26
C CYS A 290 -10.34 -5.25 -5.98
N VAL A 291 -10.64 -5.41 -7.23
CA VAL A 291 -9.99 -6.37 -8.14
C VAL A 291 -8.81 -5.62 -8.77
N LEU A 292 -7.61 -6.12 -8.69
CA LEU A 292 -6.41 -5.43 -9.22
C LEU A 292 -5.78 -6.27 -10.33
N ASN A 293 -5.24 -5.61 -11.29
CA ASN A 293 -4.50 -6.18 -12.40
C ASN A 293 -3.32 -5.23 -12.70
N ASP A 294 -2.69 -5.59 -13.80
CA ASP A 294 -1.48 -4.98 -14.30
C ASP A 294 -1.69 -3.54 -14.75
N HIS A 295 -2.94 -3.12 -14.70
CA HIS A 295 -3.17 -1.73 -15.17
C HIS A 295 -3.85 -0.97 -14.03
N GLY A 296 -3.98 -1.59 -12.86
CA GLY A 296 -4.57 -0.84 -11.72
C GLY A 296 -5.75 -1.65 -11.19
N ILE A 297 -6.71 -0.87 -10.68
CA ILE A 297 -7.98 -1.38 -10.18
C ILE A 297 -8.82 -1.69 -11.44
N SER A 298 -9.17 -2.94 -11.46
CA SER A 298 -9.96 -3.50 -12.56
C SER A 298 -11.45 -3.39 -12.27
N ASN A 299 -11.82 -3.57 -11.01
CA ASN A 299 -13.22 -3.59 -10.58
C ASN A 299 -13.33 -3.47 -9.06
N ILE A 300 -14.45 -2.98 -8.62
CA ILE A 300 -14.76 -2.80 -7.21
C ILE A 300 -15.73 -3.94 -6.86
N VAL A 301 -15.68 -4.43 -5.66
CA VAL A 301 -16.64 -5.48 -5.27
C VAL A 301 -17.73 -4.79 -4.41
N LYS A 302 -18.96 -4.95 -4.83
CA LYS A 302 -20.08 -4.27 -4.11
C LYS A 302 -20.43 -5.14 -2.93
N MET A 303 -20.29 -4.59 -1.75
CA MET A 303 -20.60 -5.35 -0.50
C MET A 303 -22.03 -5.11 -0.07
N LYS A 304 -22.65 -6.16 0.38
CA LYS A 304 -24.04 -6.08 0.87
C LYS A 304 -23.86 -5.81 2.37
N LEU A 305 -23.77 -4.54 2.70
CA LEU A 305 -23.51 -4.18 4.12
C LEU A 305 -24.77 -4.22 4.93
N LYS A 306 -24.58 -4.72 6.14
CA LYS A 306 -25.64 -4.74 7.17
C LYS A 306 -25.85 -3.29 7.61
N PRO A 307 -26.96 -3.08 8.32
CA PRO A 307 -27.35 -1.70 8.70
C PRO A 307 -26.34 -0.98 9.54
N ASN A 308 -25.69 -1.73 10.43
CA ASN A 308 -24.74 -1.03 11.36
C ASN A 308 -23.39 -0.77 10.75
N GLU A 309 -22.91 -1.61 9.88
CA GLU A 309 -21.66 -1.59 9.15
C GLU A 309 -21.70 -0.45 8.15
N GLU A 310 -22.80 -0.50 7.45
CA GLU A 310 -23.12 0.55 6.44
C GLU A 310 -23.10 1.88 7.18
N GLN A 311 -23.63 1.88 8.42
CA GLN A 311 -23.61 3.13 9.21
C GLN A 311 -22.17 3.48 9.60
N GLN A 312 -21.38 2.47 9.86
CA GLN A 312 -19.94 2.65 10.20
C GLN A 312 -19.18 3.23 9.02
N LEU A 313 -19.38 2.72 7.82
CA LEU A 313 -18.71 3.17 6.59
C LEU A 313 -19.01 4.65 6.32
N GLN A 314 -20.23 5.02 6.67
CA GLN A 314 -20.73 6.39 6.47
C GLN A 314 -19.98 7.40 7.31
N LYS A 315 -19.86 7.07 8.57
CA LYS A 315 -19.10 7.81 9.57
C LYS A 315 -17.67 7.91 9.05
N SER A 316 -17.03 6.77 8.79
CA SER A 316 -15.64 6.74 8.27
C SER A 316 -15.46 7.77 7.16
N ALA A 317 -16.27 7.65 6.13
CA ALA A 317 -16.27 8.51 4.96
C ALA A 317 -16.44 9.97 5.37
N THR A 318 -17.15 10.20 6.47
CA THR A 318 -17.40 11.55 6.98
C THR A 318 -16.21 12.13 7.70
N THR A 319 -15.62 11.38 8.62
CA THR A 319 -14.44 11.93 9.33
C THR A 319 -13.38 12.32 8.34
N LEU A 320 -13.29 11.65 7.18
CA LEU A 320 -12.30 11.93 6.14
C LEU A 320 -12.69 13.09 5.22
N TRP A 321 -13.97 13.31 4.91
CA TRP A 321 -14.32 14.43 4.04
C TRP A 321 -14.00 15.71 4.84
N ASP A 322 -14.41 15.76 6.09
CA ASP A 322 -14.15 17.00 6.87
C ASP A 322 -12.69 17.41 6.78
N ILE A 323 -11.83 16.49 6.40
CA ILE A 323 -10.39 16.73 6.26
C ILE A 323 -10.04 17.12 4.83
N GLN A 324 -10.58 16.41 3.85
CA GLN A 324 -10.25 16.75 2.44
C GLN A 324 -10.82 18.15 2.16
N LYS A 325 -12.10 18.32 2.47
CA LYS A 325 -12.74 19.64 2.27
C LYS A 325 -11.70 20.76 2.34
N ASP A 326 -11.08 20.91 3.50
CA ASP A 326 -10.11 21.98 3.76
C ASP A 326 -8.73 21.82 3.18
N LEU A 327 -8.49 21.00 2.18
CA LEU A 327 -7.16 20.87 1.58
C LEU A 327 -6.92 22.02 0.59
N LYS A 328 -5.91 22.81 0.93
CA LYS A 328 -5.50 23.96 0.13
C LYS A 328 -4.57 23.49 -0.99
N PHE A 329 -4.89 23.84 -2.22
CA PHE A 329 -3.99 23.46 -3.34
C PHE A 329 -3.18 24.68 -3.80
PA NAD B . 10.68 7.90 8.06
O1A NAD B . 11.34 8.64 9.10
O2A NAD B . 11.57 6.81 7.68
O5B NAD B . 10.66 8.93 6.84
C5B NAD B . 10.70 8.33 5.47
C4B NAD B . 11.58 8.99 4.51
O4B NAD B . 10.95 9.86 3.57
C3B NAD B . 12.99 9.45 4.73
O3B NAD B . 13.90 8.70 3.89
C2B NAD B . 12.95 10.91 4.21
O2B NAD B . 14.22 11.36 3.78
C1B NAD B . 11.91 10.75 3.09
N9A NAD B . 11.39 11.98 2.53
C8A NAD B . 11.05 13.17 3.10
N7A NAD B . 10.74 14.10 2.21
C5A NAD B . 11.04 13.53 0.99
C6A NAD B . 10.96 14.00 -0.34
N6A NAD B . 10.62 15.23 -0.70
N1A NAD B . 11.24 13.09 -1.34
C2A NAD B . 11.53 11.83 -0.98
N3A NAD B . 11.66 11.30 0.19
C4A NAD B . 11.43 12.22 1.14
O3 NAD B . 9.23 7.28 8.18
PN NAD B . 8.61 5.84 8.00
O1N NAD B . 8.54 5.14 9.28
O2N NAD B . 9.36 5.03 7.05
O5D NAD B . 7.15 6.14 7.43
C5D NAD B . 7.09 6.78 6.14
C4D NAD B . 5.60 6.95 5.91
O4D NAD B . 4.98 5.64 5.94
C3D NAD B . 4.96 7.78 7.07
O3D NAD B . 3.98 8.59 6.40
C2D NAD B . 4.21 6.72 7.86
O2D NAD B . 3.09 7.31 8.57
C1D NAD B . 3.82 5.77 6.76
N1N NAD B . 3.37 4.45 7.10
C2N NAD B . 2.26 4.01 6.46
C3N NAD B . 1.72 2.80 6.79
C7N NAD B . 0.46 2.21 6.08
O7N NAD B . 0.12 1.05 6.36
N7N NAD B . -0.19 3.07 5.28
C4N NAD B . 2.31 1.88 7.68
C5N NAD B . 3.43 2.44 8.32
C6N NAD B . 4.04 3.61 8.04
C1 OXM C . 0.47 2.62 10.19
N1 OXM C . 1.41 3.28 10.81
O1 OXM C . -0.54 3.13 9.64
C2 OXM C . 0.42 1.08 10.48
O2 OXM C . 1.41 0.55 11.07
O3 OXM C . -0.79 0.75 10.64
C1 OXM D . -10.02 -12.53 -0.43
N1 OXM D . -11.16 -13.17 -0.72
O1 OXM D . -9.57 -11.61 -1.17
C2 OXM D . -9.00 -13.36 0.43
O2 OXM D . -9.28 -14.58 0.52
O3 OXM D . -7.87 -12.83 0.61
#